data_9MZZ
#
_entry.id   9MZZ
#
_cell.length_a   47.376
_cell.length_b   96.077
_cell.length_c   127.923
_cell.angle_alpha   90.00
_cell.angle_beta   90.00
_cell.angle_gamma   90.00
#
_symmetry.space_group_name_H-M   'P 21 21 21'
#
loop_
_entity.id
_entity.type
_entity.pdbx_description
1 polymer 'Receptor-interacting serine/threonine-protein kinase 1'
2 non-polymer (2S,5S)-4-(3,3-difluoro-2,2-dimethylpropanoyl)-2,3,4,5-tetrahydro-2,5-methanopyrido[3,4-f][1,4]oxazepine-9-carbonitrile
3 non-polymer 'IODIDE ION'
4 water water
#
_entity_poly.entity_id   1
_entity_poly.type   'polypeptide(L)'
_entity_poly.pdbx_seq_one_letter_code
;LNVIKMKSSDFLESAELDSGGFGKVSLAFHRTQGLMIMKTVYKGPNCIEHNEALLEEAKMMNRLRHSRVVKLLGVIIEEG
KYSLVMEYMEKGNLMHVLKAEMSTPLSVKGRIILEIIEGMAYLHGKGVIHKDLKPENILVDNDFHIKIADLGLASFKMWS
KLNNEEHNELREVDGTAKKNGGTLYYMAPEHLNDVNAKPTEKSDVYSFAVVLWAIFANKEPYENAIAEQQLIMAIKSGNR
PDVDDITEYCPREIISLMKLCWEANPEARPTFPGIEEKFRPFYLSQLE
;
_entity_poly.pdbx_strand_id   A,B
#
loop_
_chem_comp.id
_chem_comp.type
_chem_comp.name
_chem_comp.formula
A1BU5 non-polymer (2S,5S)-4-(3,3-difluoro-2,2-dimethylpropanoyl)-2,3,4,5-tetrahydro-2,5-methanopyrido[3,4-f][1,4]oxazepine-9-carbonitrile 'C15 H15 F2 N3 O2'
IOD non-polymer 'IODIDE ION' 'I -1'
#
# COMPACT_ATOMS: atom_id res chain seq x y z
N LEU A 1 5.83 -18.57 -2.10
CA LEU A 1 6.01 -18.25 -0.64
C LEU A 1 7.51 -18.11 -0.35
N ASN A 2 8.26 -19.18 -0.60
CA ASN A 2 9.72 -19.30 -0.34
C ASN A 2 10.48 -18.74 -1.56
N VAL A 3 11.82 -18.71 -1.51
CA VAL A 3 12.71 -18.17 -2.58
C VAL A 3 12.77 -19.18 -3.72
N ILE A 4 12.98 -18.70 -4.95
CA ILE A 4 13.20 -19.56 -6.15
C ILE A 4 14.71 -19.74 -6.33
N LYS A 5 15.18 -20.99 -6.30
CA LYS A 5 16.59 -21.35 -6.65
C LYS A 5 16.70 -21.50 -8.17
N MET A 6 17.15 -20.45 -8.87
CA MET A 6 17.34 -20.43 -10.35
C MET A 6 18.74 -20.94 -10.70
N LYS A 7 18.91 -21.50 -11.91
CA LYS A 7 20.21 -21.97 -12.47
C LYS A 7 20.75 -20.91 -13.43
N SER A 8 22.07 -20.85 -13.59
CA SER A 8 22.78 -19.98 -14.57
C SER A 8 22.41 -20.40 -16.00
N SER A 9 22.16 -21.70 -16.22
CA SER A 9 21.72 -22.31 -17.50
C SER A 9 20.33 -21.79 -17.91
N ASP A 10 19.51 -21.37 -16.94
CA ASP A 10 18.15 -20.80 -17.18
C ASP A 10 18.23 -19.40 -17.81
N PHE A 11 19.43 -18.80 -17.93
CA PHE A 11 19.69 -17.46 -18.51
C PHE A 11 20.49 -17.58 -19.81
N LEU A 12 20.55 -16.48 -20.58
CA LEU A 12 21.15 -16.41 -21.94
C LEU A 12 22.68 -16.34 -21.83
N GLU A 13 23.23 -15.25 -21.27
CA GLU A 13 24.68 -14.98 -21.05
C GLU A 13 25.52 -15.62 -22.17
N PHE A 22 26.90 -2.02 -5.63
CA PHE A 22 26.00 -1.97 -6.82
C PHE A 22 26.26 -3.17 -7.75
N GLY A 23 27.50 -3.66 -7.83
CA GLY A 23 27.84 -4.99 -8.38
C GLY A 23 27.82 -5.02 -9.90
N LYS A 24 28.23 -6.15 -10.47
CA LYS A 24 28.22 -6.43 -11.93
C LYS A 24 26.77 -6.70 -12.37
N VAL A 25 25.97 -5.64 -12.47
CA VAL A 25 24.54 -5.67 -12.91
C VAL A 25 24.51 -5.96 -14.41
N SER A 26 23.99 -7.13 -14.80
CA SER A 26 23.73 -7.53 -16.20
C SER A 26 22.22 -7.76 -16.37
N LEU A 27 21.66 -7.28 -17.49
CA LEU A 27 20.29 -7.66 -17.93
C LEU A 27 20.38 -9.05 -18.56
N ALA A 28 19.56 -9.99 -18.08
CA ALA A 28 19.60 -11.42 -18.44
C ALA A 28 18.20 -11.90 -18.81
N PHE A 29 18.10 -12.88 -19.73
CA PHE A 29 16.83 -13.44 -20.25
C PHE A 29 16.58 -14.82 -19.61
N HIS A 30 15.57 -14.91 -18.74
CA HIS A 30 15.05 -16.20 -18.21
C HIS A 30 14.35 -16.94 -19.37
N ARG A 31 14.67 -18.23 -19.54
CA ARG A 31 14.28 -19.06 -20.71
C ARG A 31 12.76 -19.16 -20.83
N THR A 32 12.01 -19.14 -19.72
CA THR A 32 10.52 -19.19 -19.70
C THR A 32 9.95 -17.82 -19.32
N GLN A 33 10.37 -17.23 -18.19
CA GLN A 33 9.69 -16.10 -17.52
C GLN A 33 10.09 -14.74 -18.16
N GLY A 34 11.15 -14.69 -18.96
CA GLY A 34 11.55 -13.50 -19.73
C GLY A 34 12.60 -12.63 -19.03
N LEU A 35 12.57 -11.31 -19.29
CA LEU A 35 13.73 -10.38 -19.10
C LEU A 35 13.84 -9.92 -17.64
N MET A 36 15.05 -9.90 -17.10
CA MET A 36 15.35 -9.59 -15.68
C MET A 36 16.72 -8.91 -15.56
N ILE A 37 17.02 -8.38 -14.36
CA ILE A 37 18.36 -7.86 -13.97
C ILE A 37 18.99 -8.85 -12.97
N MET A 38 20.25 -9.20 -13.22
CA MET A 38 21.04 -10.17 -12.42
C MET A 38 22.25 -9.44 -11.82
N LYS A 39 22.43 -9.55 -10.51
CA LYS A 39 23.58 -8.97 -9.77
C LYS A 39 24.50 -10.10 -9.33
N THR A 40 25.43 -10.50 -10.22
CA THR A 40 26.45 -11.56 -9.98
C THR A 40 27.47 -11.00 -8.99
N VAL A 41 27.46 -11.49 -7.75
CA VAL A 41 28.21 -10.88 -6.61
C VAL A 41 29.60 -11.52 -6.51
N TYR A 42 29.68 -12.85 -6.64
CA TYR A 42 30.93 -13.65 -6.44
C TYR A 42 31.17 -14.49 -7.70
N LYS A 43 32.39 -14.41 -8.26
CA LYS A 43 32.86 -15.25 -9.40
C LYS A 43 34.34 -15.56 -9.16
N GLY A 44 34.67 -16.82 -8.84
CA GLY A 44 36.05 -17.27 -8.58
C GLY A 44 36.08 -18.47 -7.64
N PRO A 45 36.68 -18.35 -6.43
CA PRO A 45 36.83 -19.49 -5.51
C PRO A 45 35.51 -19.90 -4.81
N ASN A 46 35.57 -20.97 -4.02
CA ASN A 46 34.40 -21.67 -3.42
C ASN A 46 34.30 -21.36 -1.92
N CYS A 47 33.08 -21.12 -1.45
CA CYS A 47 32.73 -20.76 -0.04
C CYS A 47 31.38 -21.40 0.30
N ILE A 48 31.33 -22.74 0.29
CA ILE A 48 30.08 -23.55 0.43
C ILE A 48 29.71 -23.73 1.91
N GLU A 49 30.59 -23.34 2.83
CA GLU A 49 30.39 -23.54 4.29
C GLU A 49 29.27 -22.61 4.81
N HIS A 50 29.05 -21.44 4.19
CA HIS A 50 28.11 -20.38 4.65
C HIS A 50 27.01 -20.11 3.61
N ASN A 51 26.69 -21.09 2.76
CA ASN A 51 25.61 -20.99 1.73
C ASN A 51 24.24 -20.89 2.42
N GLU A 52 24.05 -21.56 3.55
CA GLU A 52 22.79 -21.56 4.35
C GLU A 52 22.46 -20.13 4.82
N ALA A 53 23.46 -19.36 5.26
CA ALA A 53 23.31 -17.97 5.76
C ALA A 53 22.85 -17.03 4.63
N LEU A 54 23.46 -17.16 3.44
CA LEU A 54 23.08 -16.39 2.22
C LEU A 54 21.62 -16.69 1.85
N LEU A 55 21.25 -17.97 1.81
CA LEU A 55 19.85 -18.43 1.51
C LEU A 55 18.88 -17.95 2.61
N GLU A 56 19.36 -17.75 3.83
CA GLU A 56 18.55 -17.21 4.97
C GLU A 56 18.37 -15.69 4.82
N GLU A 57 19.40 -14.98 4.34
CA GLU A 57 19.30 -13.53 3.97
C GLU A 57 18.39 -13.39 2.75
N ALA A 58 18.40 -14.37 1.83
CA ALA A 58 17.57 -14.39 0.60
C ALA A 58 16.09 -14.49 0.97
N LYS A 59 15.72 -15.40 1.87
CA LYS A 59 14.35 -15.52 2.43
C LYS A 59 13.88 -14.17 2.97
N MET A 60 14.75 -13.49 3.75
CA MET A 60 14.52 -12.14 4.32
C MET A 60 14.27 -11.13 3.20
N MET A 61 15.08 -11.17 2.13
CA MET A 61 14.93 -10.32 0.91
C MET A 61 13.62 -10.62 0.19
N ASN A 62 13.23 -11.90 0.18
CA ASN A 62 12.09 -12.42 -0.63
C ASN A 62 10.75 -12.03 0.01
N ARG A 63 10.72 -11.79 1.33
CA ARG A 63 9.49 -11.52 2.11
C ARG A 63 8.91 -10.13 1.79
N LEU A 64 9.70 -9.20 1.23
CA LEU A 64 9.27 -7.80 0.93
C LEU A 64 8.72 -7.70 -0.49
N ARG A 65 7.38 -7.72 -0.62
CA ARG A 65 6.66 -7.69 -1.93
C ARG A 65 5.67 -6.51 -1.93
N HIS A 66 5.96 -5.48 -2.73
CA HIS A 66 5.15 -4.24 -2.84
C HIS A 66 5.35 -3.64 -4.24
N SER A 67 4.40 -2.83 -4.70
CA SER A 67 4.38 -2.21 -6.06
C SER A 67 5.50 -1.18 -6.21
N ARG A 68 6.07 -0.71 -5.09
CA ARG A 68 7.07 0.39 -5.04
C ARG A 68 8.36 -0.09 -4.38
N VAL A 69 8.59 -1.41 -4.25
CA VAL A 69 9.95 -1.94 -3.91
C VAL A 69 10.31 -2.99 -4.97
N VAL A 70 11.59 -3.04 -5.36
CA VAL A 70 12.15 -4.05 -6.31
C VAL A 70 11.96 -5.44 -5.68
N LYS A 71 11.39 -6.38 -6.44
CA LYS A 71 11.14 -7.78 -6.01
C LYS A 71 12.37 -8.63 -6.38
N LEU A 72 12.90 -9.41 -5.42
CA LEU A 72 13.78 -10.57 -5.71
C LEU A 72 12.92 -11.61 -6.43
N LEU A 73 13.29 -11.95 -7.66
CA LEU A 73 12.62 -12.98 -8.49
C LEU A 73 13.23 -14.36 -8.19
N GLY A 74 14.53 -14.40 -7.91
CA GLY A 74 15.24 -15.61 -7.43
C GLY A 74 16.72 -15.35 -7.20
N VAL A 75 17.45 -16.39 -6.82
CA VAL A 75 18.92 -16.36 -6.54
C VAL A 75 19.58 -17.57 -7.19
N ILE A 76 20.82 -17.41 -7.66
CA ILE A 76 21.70 -18.50 -8.13
C ILE A 76 22.69 -18.79 -7.00
N ILE A 77 22.73 -20.04 -6.52
CA ILE A 77 23.73 -20.57 -5.56
C ILE A 77 24.38 -21.81 -6.22
N GLU A 78 25.56 -21.62 -6.83
CA GLU A 78 26.34 -22.66 -7.56
C GLU A 78 27.77 -22.71 -7.00
N GLU A 79 28.57 -23.67 -7.48
CA GLU A 79 30.03 -23.74 -7.23
C GLU A 79 30.70 -22.52 -7.88
N GLY A 80 30.89 -21.45 -7.12
CA GLY A 80 31.73 -20.29 -7.50
C GLY A 80 31.03 -19.26 -8.37
N LYS A 81 29.69 -19.28 -8.43
CA LYS A 81 28.85 -18.19 -8.98
C LYS A 81 27.65 -17.98 -8.04
N TYR A 82 27.47 -16.74 -7.57
CA TYR A 82 26.42 -16.29 -6.62
C TYR A 82 25.78 -15.03 -7.19
N SER A 83 24.47 -15.04 -7.40
CA SER A 83 23.71 -13.96 -8.09
C SER A 83 22.39 -13.71 -7.36
N LEU A 84 21.98 -12.43 -7.32
CA LEU A 84 20.60 -11.98 -7.01
C LEU A 84 19.94 -11.62 -8.33
N VAL A 85 18.73 -12.15 -8.57
CA VAL A 85 17.92 -11.90 -9.80
C VAL A 85 16.70 -11.07 -9.39
N MET A 86 16.52 -9.90 -10.00
CA MET A 86 15.54 -8.87 -9.58
C MET A 86 14.91 -8.25 -10.84
N GLU A 87 13.75 -7.62 -10.66
CA GLU A 87 12.89 -7.18 -11.78
C GLU A 87 13.54 -6.00 -12.50
N TYR A 88 13.28 -5.91 -13.80
CA TYR A 88 13.87 -4.96 -14.77
C TYR A 88 13.16 -3.61 -14.68
N MET A 89 13.93 -2.51 -14.69
CA MET A 89 13.42 -1.11 -14.68
C MET A 89 14.07 -0.34 -15.83
N GLU A 90 13.30 -0.08 -16.89
CA GLU A 90 13.76 0.32 -18.24
C GLU A 90 14.59 1.61 -18.23
N LYS A 91 14.14 2.63 -17.48
CA LYS A 91 14.74 3.99 -17.56
C LYS A 91 15.90 4.14 -16.57
N GLY A 92 16.23 3.10 -15.80
CA GLY A 92 17.35 3.12 -14.82
C GLY A 92 16.97 3.88 -13.56
N ASN A 93 17.93 4.53 -12.90
CA ASN A 93 17.76 5.15 -11.55
C ASN A 93 17.21 6.58 -11.72
N LEU A 94 16.80 7.18 -10.60
CA LEU A 94 16.08 8.49 -10.57
C LEU A 94 16.99 9.61 -11.09
N MET A 95 18.22 9.69 -10.59
CA MET A 95 19.17 10.77 -10.98
C MET A 95 19.41 10.73 -12.50
N HIS A 96 19.48 9.54 -13.10
CA HIS A 96 19.66 9.36 -14.57
C HIS A 96 18.45 9.93 -15.33
N VAL A 97 17.25 9.71 -14.79
CA VAL A 97 15.95 10.13 -15.40
C VAL A 97 15.84 11.66 -15.38
N LEU A 98 16.23 12.30 -14.27
CA LEU A 98 16.14 13.77 -14.08
C LEU A 98 17.10 14.50 -15.03
N LYS A 99 18.26 13.89 -15.34
CA LYS A 99 19.35 14.51 -16.14
C LYS A 99 19.07 14.40 -17.65
N ALA A 100 18.06 13.62 -18.08
CA ALA A 100 17.69 13.41 -19.51
C ALA A 100 17.26 14.73 -20.17
N GLU A 101 17.33 14.80 -21.52
CA GLU A 101 16.96 15.98 -22.34
C GLU A 101 15.44 16.25 -22.26
N MET A 102 14.61 15.21 -22.11
CA MET A 102 13.15 15.35 -21.87
C MET A 102 12.93 15.91 -20.45
N SER A 103 12.36 17.11 -20.32
CA SER A 103 11.91 17.69 -19.03
C SER A 103 10.79 16.81 -18.46
N THR A 104 10.92 16.34 -17.22
CA THR A 104 9.94 15.47 -16.51
C THR A 104 8.95 16.37 -15.77
N PRO A 105 7.69 16.51 -16.24
CA PRO A 105 6.78 17.53 -15.70
C PRO A 105 6.46 17.43 -14.20
N LEU A 106 5.92 18.52 -13.64
CA LEU A 106 5.65 18.71 -12.19
C LEU A 106 4.74 17.60 -11.65
N SER A 107 3.63 17.35 -12.33
CA SER A 107 2.63 16.30 -12.02
C SER A 107 3.31 14.94 -11.83
N VAL A 108 4.27 14.61 -12.72
CA VAL A 108 5.03 13.32 -12.70
C VAL A 108 5.94 13.31 -11.48
N LYS A 109 6.72 14.39 -11.27
CA LYS A 109 7.60 14.55 -10.10
C LYS A 109 6.77 14.39 -8.82
N GLY A 110 5.57 14.99 -8.79
CA GLY A 110 4.58 14.82 -7.71
C GLY A 110 4.26 13.36 -7.47
N ARG A 111 3.88 12.64 -8.54
CA ARG A 111 3.49 11.20 -8.46
C ARG A 111 4.69 10.38 -7.97
N ILE A 112 5.88 10.62 -8.54
CA ILE A 112 7.16 9.99 -8.12
C ILE A 112 7.28 10.08 -6.59
N ILE A 113 7.07 11.28 -6.02
CA ILE A 113 7.24 11.54 -4.55
C ILE A 113 6.20 10.72 -3.77
N LEU A 114 4.95 10.70 -4.20
CA LEU A 114 3.87 9.91 -3.55
C LEU A 114 4.26 8.43 -3.56
N GLU A 115 4.74 7.92 -4.70
CA GLU A 115 5.13 6.49 -4.88
C GLU A 115 6.31 6.14 -3.95
N ILE A 116 7.25 7.07 -3.73
CA ILE A 116 8.40 6.88 -2.79
C ILE A 116 7.83 6.75 -1.37
N ILE A 117 6.94 7.67 -1.00
CA ILE A 117 6.26 7.68 0.33
C ILE A 117 5.56 6.32 0.51
N GLU A 118 4.76 5.91 -0.49
CA GLU A 118 4.03 4.61 -0.50
C GLU A 118 5.01 3.48 -0.16
N GLY A 119 6.14 3.42 -0.89
CA GLY A 119 7.15 2.36 -0.78
C GLY A 119 7.83 2.35 0.58
N MET A 120 8.26 3.52 1.04
CA MET A 120 8.96 3.67 2.34
C MET A 120 8.02 3.30 3.48
N ALA A 121 6.75 3.73 3.40
CA ALA A 121 5.68 3.38 4.35
C ALA A 121 5.53 1.85 4.46
N TYR A 122 5.66 1.13 3.34
CA TYR A 122 5.55 -0.35 3.29
C TYR A 122 6.69 -0.98 4.09
N LEU A 123 7.94 -0.59 3.76
CA LEU A 123 9.19 -1.14 4.34
C LEU A 123 9.18 -0.93 5.86
N HIS A 124 8.90 0.30 6.31
CA HIS A 124 8.76 0.65 7.77
C HIS A 124 7.65 -0.20 8.39
N GLY A 125 6.56 -0.43 7.65
CA GLY A 125 5.45 -1.33 8.04
C GLY A 125 5.92 -2.74 8.31
N LYS A 126 6.95 -3.21 7.59
CA LYS A 126 7.58 -4.56 7.73
C LYS A 126 8.79 -4.51 8.69
N GLY A 127 8.97 -3.42 9.44
CA GLY A 127 10.06 -3.25 10.41
C GLY A 127 11.42 -3.09 9.75
N VAL A 128 11.47 -2.57 8.53
CA VAL A 128 12.71 -2.39 7.73
C VAL A 128 13.16 -0.93 7.85
N ILE A 129 14.42 -0.70 8.24
CA ILE A 129 15.13 0.59 8.01
C ILE A 129 15.97 0.41 6.75
N HIS A 130 15.78 1.27 5.75
CA HIS A 130 16.53 1.19 4.48
C HIS A 130 18.00 1.49 4.75
N LYS A 131 18.25 2.64 5.38
CA LYS A 131 19.56 3.16 5.84
C LYS A 131 20.31 3.89 4.71
N ASP A 132 20.03 3.62 3.44
CA ASP A 132 20.74 4.26 2.30
C ASP A 132 19.77 4.54 1.16
N LEU A 133 18.65 5.21 1.47
CA LEU A 133 17.74 5.73 0.43
C LEU A 133 18.46 6.86 -0.31
N LYS A 134 18.38 6.88 -1.63
CA LYS A 134 19.04 7.87 -2.51
C LYS A 134 18.59 7.65 -3.94
N PRO A 135 18.69 8.65 -4.85
CA PRO A 135 18.21 8.50 -6.22
C PRO A 135 18.74 7.27 -6.96
N GLU A 136 19.97 6.85 -6.67
CA GLU A 136 20.59 5.62 -7.24
C GLU A 136 19.75 4.39 -6.85
N ASN A 137 19.21 4.34 -5.63
CA ASN A 137 18.41 3.21 -5.08
C ASN A 137 16.90 3.37 -5.41
N ILE A 138 16.55 4.32 -6.29
CA ILE A 138 15.15 4.59 -6.75
C ILE A 138 15.13 4.42 -8.26
N LEU A 139 14.53 3.34 -8.74
CA LEU A 139 14.57 2.89 -10.16
C LEU A 139 13.22 3.19 -10.81
N VAL A 140 13.24 3.44 -12.12
CA VAL A 140 12.11 4.06 -12.88
C VAL A 140 11.80 3.21 -14.11
N ASP A 141 10.56 2.71 -14.22
CA ASP A 141 10.07 1.90 -15.37
C ASP A 141 9.62 2.84 -16.49
N ASN A 142 9.20 2.30 -17.63
CA ASN A 142 8.96 3.03 -18.89
C ASN A 142 7.81 4.05 -18.76
N ASP A 143 6.89 3.84 -17.80
CA ASP A 143 5.72 4.75 -17.54
C ASP A 143 6.02 5.66 -16.35
N PHE A 144 7.29 5.82 -15.97
CA PHE A 144 7.81 6.75 -14.92
C PHE A 144 7.28 6.36 -13.52
N HIS A 145 6.90 5.10 -13.32
CA HIS A 145 6.55 4.55 -11.98
C HIS A 145 7.86 4.04 -11.36
N ILE A 146 7.99 4.18 -10.04
CA ILE A 146 9.29 3.96 -9.33
C ILE A 146 9.18 2.73 -8.43
N LYS A 147 10.34 2.15 -8.10
CA LYS A 147 10.49 1.07 -7.09
C LYS A 147 11.80 1.32 -6.34
N ILE A 148 11.77 1.23 -5.01
CA ILE A 148 12.94 1.44 -4.11
C ILE A 148 13.78 0.15 -4.06
N ALA A 149 15.11 0.28 -4.07
CA ALA A 149 16.10 -0.82 -4.18
C ALA A 149 17.15 -0.70 -3.07
N ASP A 150 17.82 -1.80 -2.75
CA ASP A 150 18.96 -1.86 -1.79
C ASP A 150 20.17 -2.45 -2.51
N LEU A 151 20.65 -1.76 -3.55
CA LEU A 151 21.74 -2.25 -4.44
C LEU A 151 23.08 -2.24 -3.69
N GLY A 152 23.26 -1.35 -2.71
CA GLY A 152 24.38 -1.36 -1.77
C GLY A 152 24.36 -2.57 -0.85
N LEU A 153 23.20 -3.24 -0.70
CA LEU A 153 22.96 -4.41 0.20
C LEU A 153 23.19 -3.96 1.65
N ALA A 154 22.69 -2.77 1.99
CA ALA A 154 22.75 -2.14 3.33
C ALA A 154 22.17 -3.06 4.42
N SER A 155 21.06 -3.74 4.12
CA SER A 155 20.28 -4.55 5.10
C SER A 155 20.58 -6.04 4.96
N PHE A 156 21.56 -6.41 4.12
CA PHE A 156 21.92 -7.82 3.81
C PHE A 156 23.45 -7.94 3.84
N LYS A 157 23.99 -8.31 5.01
CA LYS A 157 25.43 -8.14 5.38
C LYS A 157 26.30 -9.16 4.64
N MET A 158 25.87 -10.43 4.62
CA MET A 158 26.64 -11.55 4.01
C MET A 158 26.82 -11.31 2.50
N TRP A 159 25.75 -10.91 1.81
CA TRP A 159 25.78 -10.58 0.35
C TRP A 159 26.65 -9.35 0.08
N SER A 160 26.53 -8.31 0.91
N SER A 160 26.52 -8.31 0.92
CA SER A 160 27.27 -7.03 0.78
CA SER A 160 27.26 -7.02 0.79
C SER A 160 28.76 -7.24 0.97
C SER A 160 28.76 -7.24 0.97
N LYS A 161 29.15 -8.12 1.91
CA LYS A 161 30.56 -8.55 2.13
C LYS A 161 31.06 -9.25 0.86
N LEU A 162 30.27 -10.22 0.40
CA LEU A 162 30.55 -11.06 -0.78
C LEU A 162 30.70 -10.19 -2.04
N ASN A 163 29.92 -9.12 -2.14
CA ASN A 163 29.90 -8.15 -3.28
C ASN A 163 31.29 -7.53 -3.50
N ASN A 164 32.00 -7.18 -2.42
CA ASN A 164 33.19 -6.26 -2.50
C ASN A 164 34.43 -6.92 -1.88
N GLU A 165 34.66 -8.21 -2.17
CA GLU A 165 35.87 -8.96 -1.73
C GLU A 165 36.51 -9.64 -2.96
N GLU A 166 37.49 -8.97 -3.58
CA GLU A 166 38.32 -9.45 -4.72
C GLU A 166 37.46 -9.51 -6.00
N HIS A 167 38.02 -10.09 -7.08
CA HIS A 167 37.40 -10.23 -8.43
C HIS A 167 37.22 -8.85 -9.06
N GLY A 182 29.41 5.16 -2.85
CA GLY A 182 29.30 5.48 -1.40
C GLY A 182 29.45 6.95 -1.10
N THR A 183 28.62 7.79 -1.73
CA THR A 183 28.49 9.25 -1.45
C THR A 183 27.59 9.43 -0.24
N LEU A 184 27.67 10.60 0.40
CA LEU A 184 27.16 10.88 1.78
C LEU A 184 26.02 11.92 1.77
N TYR A 185 25.63 12.43 0.60
CA TYR A 185 24.75 13.61 0.42
C TYR A 185 23.36 13.39 1.04
N TYR A 186 22.92 12.12 1.13
CA TYR A 186 21.55 11.75 1.57
C TYR A 186 21.59 11.13 2.98
N MET A 187 22.74 11.16 3.66
CA MET A 187 22.93 10.51 4.99
C MET A 187 22.58 11.52 6.09
N ALA A 188 21.72 11.12 7.03
CA ALA A 188 21.34 11.91 8.22
C ALA A 188 22.58 12.26 9.02
N PRO A 189 22.65 13.46 9.65
CA PRO A 189 23.85 13.90 10.35
C PRO A 189 24.24 13.02 11.56
N GLU A 190 23.26 12.40 12.22
CA GLU A 190 23.47 11.48 13.36
C GLU A 190 24.44 10.35 13.00
N HIS A 191 24.47 9.91 11.73
CA HIS A 191 25.33 8.80 11.23
C HIS A 191 26.64 9.32 10.64
N LEU A 192 26.71 10.60 10.24
CA LEU A 192 27.98 11.25 9.80
C LEU A 192 28.93 11.24 11.00
N ASN A 193 30.08 10.57 10.85
CA ASN A 193 31.17 10.52 11.85
C ASN A 193 30.67 9.83 13.13
N ASP A 194 29.67 8.95 13.02
CA ASP A 194 29.23 8.04 14.11
C ASP A 194 28.69 6.76 13.46
N VAL A 195 29.56 5.74 13.31
CA VAL A 195 29.25 4.47 12.59
C VAL A 195 28.66 3.44 13.57
N ASN A 196 28.58 3.75 14.86
CA ASN A 196 28.01 2.84 15.90
C ASN A 196 26.57 3.23 16.22
N ALA A 197 26.21 4.50 15.99
CA ALA A 197 24.83 5.03 16.10
C ALA A 197 23.89 4.12 15.31
N LYS A 198 22.93 3.49 16.00
CA LYS A 198 21.86 2.63 15.42
C LYS A 198 20.96 3.48 14.52
N PRO A 199 20.73 3.10 13.23
CA PRO A 199 19.74 3.78 12.40
C PRO A 199 18.31 3.56 12.93
N THR A 200 17.50 4.62 12.89
CA THR A 200 16.05 4.62 13.20
C THR A 200 15.27 4.83 11.88
N GLU A 201 13.94 4.81 11.96
CA GLU A 201 13.04 5.19 10.84
C GLU A 201 13.38 6.62 10.39
N LYS A 202 13.64 7.53 11.32
CA LYS A 202 13.89 8.97 11.08
C LYS A 202 15.19 9.18 10.28
N SER A 203 16.14 8.22 10.34
CA SER A 203 17.35 8.17 9.48
C SER A 203 16.94 8.19 8.01
N ASP A 204 15.95 7.36 7.63
CA ASP A 204 15.42 7.25 6.25
C ASP A 204 14.73 8.55 5.86
N VAL A 205 14.06 9.21 6.81
CA VAL A 205 13.21 10.41 6.56
C VAL A 205 14.10 11.59 6.14
N TYR A 206 15.29 11.74 6.73
CA TYR A 206 16.30 12.77 6.33
C TYR A 206 16.68 12.54 4.86
N SER A 207 17.08 11.31 4.52
CA SER A 207 17.46 10.90 3.16
C SER A 207 16.41 11.39 2.16
N PHE A 208 15.14 11.04 2.41
CA PHE A 208 13.94 11.39 1.62
C PHE A 208 13.89 12.91 1.35
N ALA A 209 14.15 13.73 2.39
CA ALA A 209 14.20 15.20 2.31
C ALA A 209 15.19 15.65 1.24
N VAL A 210 16.39 15.05 1.22
CA VAL A 210 17.46 15.41 0.25
C VAL A 210 17.01 14.93 -1.13
N VAL A 211 16.27 13.81 -1.21
CA VAL A 211 15.69 13.25 -2.46
C VAL A 211 14.71 14.28 -3.05
N LEU A 212 13.80 14.82 -2.23
CA LEU A 212 12.84 15.87 -2.67
C LEU A 212 13.63 17.00 -3.34
N TRP A 213 14.68 17.48 -2.70
CA TRP A 213 15.52 18.58 -3.21
C TRP A 213 16.07 18.23 -4.60
N ALA A 214 16.71 17.06 -4.72
CA ALA A 214 17.34 16.55 -5.96
C ALA A 214 16.31 16.47 -7.10
N ILE A 215 15.07 16.08 -6.76
CA ILE A 215 13.96 15.91 -7.75
C ILE A 215 13.66 17.27 -8.42
N PHE A 216 13.70 18.38 -7.68
CA PHE A 216 13.38 19.73 -8.23
C PHE A 216 14.65 20.46 -8.68
N ALA A 217 15.84 20.01 -8.23
CA ALA A 217 17.14 20.55 -8.65
C ALA A 217 17.56 19.94 -9.99
N ASN A 218 17.21 18.67 -10.24
CA ASN A 218 17.71 17.85 -11.38
C ASN A 218 19.23 17.68 -11.27
N LYS A 219 19.75 17.52 -10.05
CA LYS A 219 21.20 17.30 -9.80
C LYS A 219 21.44 16.92 -8.34
N GLU A 220 22.65 16.40 -8.07
CA GLU A 220 23.14 16.10 -6.70
C GLU A 220 23.40 17.42 -5.99
N PRO A 221 23.18 17.53 -4.66
CA PRO A 221 23.45 18.77 -3.94
C PRO A 221 24.94 19.06 -3.72
N TYR A 222 25.24 20.13 -2.99
CA TYR A 222 26.57 20.46 -2.41
C TYR A 222 27.64 20.52 -3.52
N GLU A 223 27.28 21.08 -4.68
CA GLU A 223 28.13 21.05 -5.89
C GLU A 223 29.44 21.80 -5.64
N ASN A 224 29.41 22.88 -4.83
CA ASN A 224 30.56 23.79 -4.64
C ASN A 224 31.10 23.63 -3.20
N ALA A 225 31.04 22.42 -2.65
CA ALA A 225 31.79 22.03 -1.42
C ALA A 225 33.29 22.01 -1.75
N ILE A 226 34.14 22.27 -0.75
CA ILE A 226 35.63 22.32 -0.92
C ILE A 226 36.16 20.89 -0.87
N ALA A 227 35.86 20.18 0.22
CA ALA A 227 36.23 18.77 0.46
C ALA A 227 35.20 18.16 1.40
N GLU A 228 35.19 16.84 1.49
CA GLU A 228 34.08 16.03 2.07
C GLU A 228 34.20 16.00 3.60
N GLN A 229 35.42 15.93 4.16
CA GLN A 229 35.69 16.09 5.63
C GLN A 229 35.00 17.36 6.13
N GLN A 230 35.27 18.48 5.46
CA GLN A 230 34.82 19.84 5.84
C GLN A 230 33.30 19.96 5.62
N LEU A 231 32.81 19.43 4.49
CA LEU A 231 31.37 19.41 4.13
C LEU A 231 30.56 18.60 5.14
N ILE A 232 31.09 17.46 5.60
CA ILE A 232 30.45 16.61 6.65
C ILE A 232 30.29 17.43 7.93
N MET A 233 31.36 18.06 8.40
CA MET A 233 31.34 18.89 9.65
C MET A 233 30.33 20.03 9.48
N ALA A 234 30.28 20.65 8.29
CA ALA A 234 29.28 21.69 7.92
C ALA A 234 27.88 21.13 8.13
N ILE A 235 27.57 19.99 7.50
CA ILE A 235 26.23 19.33 7.55
C ILE A 235 25.85 19.04 9.00
N LYS A 236 26.80 18.56 9.82
CA LYS A 236 26.54 18.24 11.26
C LYS A 236 26.19 19.52 12.03
N SER A 237 26.76 20.67 11.64
CA SER A 237 26.50 21.99 12.27
C SER A 237 25.26 22.66 11.67
N GLY A 238 24.58 22.02 10.71
CA GLY A 238 23.24 22.43 10.23
C GLY A 238 23.18 22.79 8.74
N ASN A 239 24.27 22.63 7.98
CA ASN A 239 24.29 22.79 6.49
C ASN A 239 23.28 21.84 5.84
N ARG A 240 22.47 22.34 4.90
CA ARG A 240 21.49 21.59 4.08
C ARG A 240 21.60 22.07 2.63
N PRO A 241 21.05 21.34 1.64
CA PRO A 241 21.13 21.77 0.24
C PRO A 241 20.56 23.18 -0.02
N ASP A 242 21.19 23.93 -0.92
CA ASP A 242 20.84 25.33 -1.23
C ASP A 242 19.49 25.37 -1.96
N VAL A 243 18.46 25.93 -1.33
CA VAL A 243 17.07 25.98 -1.89
C VAL A 243 17.03 26.95 -3.08
N ASP A 244 17.95 27.92 -3.15
CA ASP A 244 18.07 28.87 -4.30
C ASP A 244 18.63 28.15 -5.53
N ASP A 245 19.30 27.00 -5.35
CA ASP A 245 19.81 26.14 -6.47
C ASP A 245 18.63 25.47 -7.20
N ILE A 246 17.43 25.42 -6.60
CA ILE A 246 16.17 25.03 -7.30
C ILE A 246 15.72 26.24 -8.14
N THR A 247 16.05 26.23 -9.44
CA THR A 247 15.74 27.33 -10.41
C THR A 247 14.29 27.18 -10.88
N GLU A 248 13.90 25.98 -11.35
CA GLU A 248 12.53 25.67 -11.83
C GLU A 248 11.55 25.67 -10.65
N TYR A 249 10.25 25.67 -10.94
CA TYR A 249 9.16 25.82 -9.94
C TYR A 249 9.13 24.60 -9.02
N CYS A 250 9.07 24.85 -7.71
CA CYS A 250 8.80 23.85 -6.65
C CYS A 250 7.73 24.39 -5.70
N PRO A 251 6.58 23.69 -5.52
CA PRO A 251 5.57 24.13 -4.56
C PRO A 251 6.15 24.41 -3.17
N ARG A 252 5.66 25.48 -2.53
CA ARG A 252 6.20 25.99 -1.25
C ARG A 252 5.98 24.95 -0.13
N GLU A 253 4.90 24.17 -0.21
CA GLU A 253 4.53 23.16 0.82
C GLU A 253 5.43 21.92 0.67
N ILE A 254 6.12 21.76 -0.47
CA ILE A 254 7.16 20.71 -0.68
C ILE A 254 8.48 21.22 -0.10
N ILE A 255 8.83 22.49 -0.31
CA ILE A 255 10.01 23.15 0.33
C ILE A 255 9.86 23.04 1.85
N SER A 256 8.68 23.34 2.38
CA SER A 256 8.34 23.20 3.82
C SER A 256 8.58 21.75 4.26
N LEU A 257 8.07 20.79 3.49
CA LEU A 257 8.14 19.33 3.81
C LEU A 257 9.60 18.88 3.90
N MET A 258 10.44 19.26 2.92
CA MET A 258 11.86 18.82 2.88
C MET A 258 12.64 19.45 4.03
N LYS A 259 12.32 20.68 4.43
CA LYS A 259 12.93 21.35 5.60
C LYS A 259 12.55 20.59 6.87
N LEU A 260 11.29 20.18 6.99
CA LEU A 260 10.78 19.45 8.20
C LEU A 260 11.43 18.07 8.28
N CYS A 261 11.71 17.46 7.13
CA CYS A 261 12.26 16.07 7.05
C CYS A 261 13.78 16.09 7.29
N TRP A 262 14.50 17.18 6.96
CA TRP A 262 15.96 17.28 7.20
C TRP A 262 16.29 18.07 8.47
N GLU A 263 15.38 18.11 9.44
CA GLU A 263 15.63 18.68 10.80
C GLU A 263 16.83 17.97 11.42
N ALA A 264 17.65 18.71 12.17
CA ALA A 264 18.83 18.20 12.91
C ALA A 264 18.38 17.08 13.84
N ASN A 265 17.39 17.38 14.69
CA ASN A 265 16.80 16.45 15.68
C ASN A 265 16.01 15.37 14.95
N PRO A 266 16.39 14.07 15.05
CA PRO A 266 15.59 12.98 14.50
C PRO A 266 14.11 13.02 14.90
N GLU A 267 13.84 13.34 16.17
CA GLU A 267 12.48 13.36 16.77
C GLU A 267 11.60 14.41 16.08
N ALA A 268 12.19 15.51 15.58
CA ALA A 268 11.50 16.66 14.95
C ALA A 268 11.06 16.36 13.51
N ARG A 269 11.43 15.21 12.95
CA ARG A 269 11.05 14.78 11.58
C ARG A 269 9.74 14.00 11.67
N PRO A 270 8.88 14.04 10.63
CA PRO A 270 7.62 13.30 10.62
C PRO A 270 7.87 11.82 10.30
N THR A 271 6.89 10.96 10.56
CA THR A 271 6.88 9.55 10.12
C THR A 271 6.38 9.55 8.67
N PHE A 272 6.72 8.52 7.90
CA PHE A 272 6.21 8.33 6.51
C PHE A 272 4.68 8.28 6.52
N PRO A 273 4.03 7.59 7.47
CA PRO A 273 2.60 7.75 7.70
C PRO A 273 2.17 9.23 7.85
N GLY A 274 2.90 9.99 8.68
CA GLY A 274 2.70 11.43 8.89
C GLY A 274 2.82 12.22 7.61
N ILE A 275 3.80 11.87 6.77
CA ILE A 275 4.08 12.56 5.47
C ILE A 275 2.94 12.25 4.50
N GLU A 276 2.63 10.96 4.33
CA GLU A 276 1.60 10.43 3.39
C GLU A 276 0.27 11.17 3.60
N GLU A 277 -0.14 11.33 4.86
CA GLU A 277 -1.49 11.86 5.23
C GLU A 277 -1.58 13.35 4.87
N LYS A 278 -0.47 14.09 4.92
CA LYS A 278 -0.40 15.53 4.50
C LYS A 278 -0.23 15.61 2.98
N PHE A 279 0.69 14.83 2.41
CA PHE A 279 1.16 14.98 1.00
C PHE A 279 0.09 14.50 0.02
N ARG A 280 -0.50 13.31 0.25
CA ARG A 280 -1.47 12.67 -0.68
C ARG A 280 -2.59 13.64 -1.03
N PRO A 281 -3.34 14.24 -0.07
CA PRO A 281 -4.42 15.15 -0.41
C PRO A 281 -3.93 16.42 -1.09
N PHE A 282 -2.73 16.90 -0.74
CA PHE A 282 -2.02 18.02 -1.43
C PHE A 282 -1.75 17.62 -2.89
N TYR A 283 -1.15 16.44 -3.12
CA TYR A 283 -0.88 15.91 -4.48
C TYR A 283 -2.17 15.90 -5.28
N LEU A 284 -3.21 15.24 -4.75
CA LEU A 284 -4.51 15.05 -5.43
C LEU A 284 -5.13 16.40 -5.79
N SER A 285 -5.18 17.33 -4.83
CA SER A 285 -5.89 18.64 -4.98
C SER A 285 -5.11 19.62 -5.86
N GLN A 286 -3.77 19.60 -5.85
CA GLN A 286 -2.92 20.64 -6.50
C GLN A 286 -2.16 20.10 -7.73
N LEU A 287 -1.76 18.82 -7.78
CA LEU A 287 -0.78 18.29 -8.76
C LEU A 287 -1.38 17.24 -9.71
N GLU A 288 -2.24 16.34 -9.23
CA GLU A 288 -2.88 15.27 -10.05
C GLU A 288 -3.83 15.93 -11.06
N LEU B 1 -1.41 8.26 16.99
CA LEU B 1 -1.53 6.75 16.83
C LEU B 1 -2.50 6.14 17.86
N ASN B 2 -2.68 6.76 19.05
CA ASN B 2 -3.78 6.48 20.00
C ASN B 2 -5.07 7.12 19.48
N VAL B 3 -6.22 6.70 20.01
CA VAL B 3 -7.57 7.10 19.50
C VAL B 3 -7.89 8.51 19.99
N ILE B 4 -8.65 9.28 19.21
CA ILE B 4 -9.14 10.64 19.60
C ILE B 4 -10.53 10.46 20.23
N LYS B 5 -10.68 10.77 21.52
CA LYS B 5 -11.95 10.64 22.29
C LYS B 5 -12.76 11.92 22.09
N MET B 6 -13.72 11.90 21.17
CA MET B 6 -14.58 13.06 20.82
C MET B 6 -15.82 13.09 21.72
N LYS B 7 -16.37 14.30 21.93
CA LYS B 7 -17.58 14.55 22.76
C LYS B 7 -18.77 14.77 21.83
N SER B 8 -19.99 14.51 22.34
CA SER B 8 -21.28 14.70 21.64
C SER B 8 -21.49 16.19 21.32
N SER B 9 -21.01 17.07 22.19
CA SER B 9 -21.06 18.56 22.06
C SER B 9 -20.26 19.03 20.84
N ASP B 10 -19.24 18.28 20.41
CA ASP B 10 -18.36 18.62 19.26
C ASP B 10 -19.12 18.56 17.93
N PHE B 11 -20.30 17.92 17.89
CA PHE B 11 -21.12 17.70 16.66
C PHE B 11 -22.50 18.36 16.77
N LEU B 12 -23.16 18.52 15.62
CA LEU B 12 -24.56 19.01 15.45
C LEU B 12 -25.32 17.98 14.61
N GLU B 13 -25.08 16.69 14.92
CA GLU B 13 -25.20 15.48 14.03
C GLU B 13 -26.60 15.38 13.39
N SER B 14 -26.65 14.85 12.17
CA SER B 14 -27.83 14.86 11.26
C SER B 14 -28.76 13.67 11.54
N ALA B 15 -29.79 13.54 10.70
CA ALA B 15 -30.64 12.34 10.55
C ALA B 15 -29.81 11.20 9.93
N GLU B 16 -30.38 9.99 9.88
CA GLU B 16 -29.73 8.73 9.44
C GLU B 16 -29.36 8.80 7.94
N LEU B 17 -28.68 7.76 7.46
CA LEU B 17 -28.50 7.43 6.02
C LEU B 17 -28.99 6.00 5.76
N ASP B 18 -29.51 5.73 4.54
CA ASP B 18 -29.99 4.39 4.10
C ASP B 18 -28.79 3.52 3.67
N SER B 19 -27.66 4.15 3.32
CA SER B 19 -26.34 3.49 3.06
C SER B 19 -25.62 3.12 4.37
N GLY B 20 -26.31 3.12 5.52
CA GLY B 20 -25.75 2.76 6.84
C GLY B 20 -25.52 1.26 6.98
N LYS B 24 -26.98 2.90 13.18
CA LYS B 24 -27.77 4.12 12.86
C LYS B 24 -26.81 5.18 12.27
N VAL B 25 -26.32 4.94 11.04
CA VAL B 25 -25.20 5.69 10.39
C VAL B 25 -25.71 7.06 9.92
N SER B 26 -25.00 8.13 10.27
CA SER B 26 -25.38 9.53 9.93
C SER B 26 -24.13 10.38 9.57
N LEU B 27 -24.33 11.33 8.67
CA LEU B 27 -23.43 12.50 8.42
C LEU B 27 -23.51 13.43 9.64
N ALA B 28 -22.37 13.89 10.17
CA ALA B 28 -22.27 14.82 11.31
C ALA B 28 -21.26 15.94 11.00
N PHE B 29 -21.51 17.14 11.53
CA PHE B 29 -20.62 18.33 11.37
C PHE B 29 -19.87 18.60 12.67
N HIS B 30 -18.57 18.29 12.69
CA HIS B 30 -17.62 18.68 13.76
C HIS B 30 -17.44 20.21 13.71
N ARG B 31 -17.46 20.86 14.87
CA ARG B 31 -17.47 22.35 15.02
C ARG B 31 -16.25 22.99 14.34
N THR B 32 -15.08 22.34 14.37
CA THR B 32 -13.78 22.90 13.88
C THR B 32 -13.26 22.07 12.70
N GLN B 33 -13.16 20.75 12.85
CA GLN B 33 -12.54 19.80 11.88
C GLN B 33 -13.49 19.49 10.70
N GLY B 34 -14.77 19.87 10.78
CA GLY B 34 -15.70 19.90 9.63
C GLY B 34 -16.51 18.64 9.48
N LEU B 35 -16.76 18.21 8.24
CA LEU B 35 -17.81 17.23 7.87
C LEU B 35 -17.28 15.80 8.06
N MET B 36 -18.09 14.91 8.64
CA MET B 36 -17.68 13.53 9.04
C MET B 36 -18.86 12.55 8.96
N ILE B 37 -18.54 11.26 9.03
CA ILE B 37 -19.51 10.13 9.14
C ILE B 37 -19.42 9.55 10.55
N MET B 38 -20.58 9.28 11.17
CA MET B 38 -20.72 8.78 12.56
C MET B 38 -21.57 7.51 12.55
N LYS B 39 -21.05 6.43 13.15
CA LYS B 39 -21.81 5.16 13.37
C LYS B 39 -22.06 5.02 14.88
N THR B 40 -23.22 5.51 15.32
CA THR B 40 -23.77 5.29 16.69
C THR B 40 -24.09 3.79 16.85
N VAL B 41 -23.34 3.10 17.72
CA VAL B 41 -23.44 1.64 17.94
C VAL B 41 -24.48 1.36 19.03
N TYR B 42 -24.47 2.13 20.12
CA TYR B 42 -25.35 1.94 21.32
C TYR B 42 -26.06 3.25 21.70
N LYS B 43 -27.33 3.13 22.10
CA LYS B 43 -28.08 4.14 22.90
C LYS B 43 -28.97 3.43 23.92
N GLY B 44 -28.87 3.77 25.21
CA GLY B 44 -29.63 3.14 26.31
C GLY B 44 -29.04 3.42 27.68
N PRO B 45 -29.36 2.60 28.72
CA PRO B 45 -28.80 2.80 30.05
C PRO B 45 -27.32 2.42 30.18
N ASN B 46 -26.73 2.66 31.36
CA ASN B 46 -25.27 2.58 31.60
C ASN B 46 -24.82 1.12 31.68
N CYS B 47 -23.76 0.78 30.93
CA CYS B 47 -22.99 -0.50 31.00
C CYS B 47 -21.59 -0.30 30.42
N GLU B 49 -18.97 -1.51 31.98
CA GLU B 49 -18.73 -2.82 31.32
C GLU B 49 -18.08 -2.60 29.94
N HIS B 50 -17.02 -3.36 29.66
CA HIS B 50 -16.35 -3.50 28.33
C HIS B 50 -15.79 -2.16 27.82
N ASN B 51 -15.70 -1.11 28.65
CA ASN B 51 -15.31 0.26 28.22
C ASN B 51 -13.84 0.27 27.80
N GLU B 52 -12.98 -0.39 28.60
CA GLU B 52 -11.53 -0.53 28.32
C GLU B 52 -11.34 -1.35 27.03
N ALA B 53 -12.09 -2.44 26.85
CA ALA B 53 -11.99 -3.37 25.71
C ALA B 53 -12.38 -2.66 24.41
N LEU B 54 -13.50 -1.92 24.41
CA LEU B 54 -13.98 -1.13 23.25
C LEU B 54 -12.92 -0.09 22.88
N LEU B 55 -12.40 0.66 23.86
CA LEU B 55 -11.35 1.70 23.64
C LEU B 55 -10.05 1.06 23.12
N GLU B 56 -9.77 -0.19 23.49
CA GLU B 56 -8.57 -0.95 23.02
C GLU B 56 -8.83 -1.46 21.60
N GLU B 57 -10.05 -1.92 21.31
CA GLU B 57 -10.48 -2.40 19.97
C GLU B 57 -10.52 -1.23 18.98
N ALA B 58 -10.86 -0.03 19.47
CA ALA B 58 -10.78 1.25 18.71
C ALA B 58 -9.32 1.54 18.36
N LYS B 59 -8.42 1.48 19.36
CA LYS B 59 -6.94 1.57 19.19
C LYS B 59 -6.50 0.55 18.12
N MET B 60 -6.98 -0.69 18.23
CA MET B 60 -6.67 -1.82 17.29
C MET B 60 -7.09 -1.43 15.87
N MET B 61 -8.30 -0.89 15.70
CA MET B 61 -8.86 -0.51 14.38
C MET B 61 -8.26 0.83 13.91
N ASN B 62 -7.66 1.61 14.82
CA ASN B 62 -6.94 2.87 14.46
C ASN B 62 -5.56 2.55 13.90
N ARG B 63 -4.98 1.40 14.26
CA ARG B 63 -3.64 0.90 13.81
C ARG B 63 -3.60 0.83 12.27
N LEU B 64 -4.67 0.33 11.65
CA LEU B 64 -4.71 -0.01 10.20
C LEU B 64 -4.92 1.26 9.37
N ARG B 65 -3.81 1.90 8.95
CA ARG B 65 -3.82 3.21 8.24
C ARG B 65 -3.23 3.03 6.85
N HIS B 66 -4.06 3.28 5.83
CA HIS B 66 -3.71 3.18 4.39
C HIS B 66 -4.62 4.12 3.60
N SER B 67 -4.21 4.50 2.39
CA SER B 67 -4.97 5.41 1.48
C SER B 67 -6.24 4.74 0.94
N ARG B 68 -6.38 3.43 1.13
CA ARG B 68 -7.48 2.59 0.57
C ARG B 68 -8.25 1.89 1.70
N VAL B 69 -8.04 2.26 2.98
CA VAL B 69 -8.93 1.84 4.12
C VAL B 69 -9.48 3.12 4.76
N VAL B 70 -10.77 3.07 5.14
CA VAL B 70 -11.47 4.22 5.77
C VAL B 70 -10.85 4.39 7.16
N LYS B 71 -10.49 5.62 7.50
CA LYS B 71 -9.76 5.97 8.75
C LYS B 71 -10.77 6.32 9.83
N LEU B 72 -10.65 5.67 10.99
CA LEU B 72 -11.32 6.09 12.25
C LEU B 72 -10.67 7.41 12.68
N LEU B 73 -11.46 8.49 12.76
CA LEU B 73 -11.03 9.84 13.20
C LEU B 73 -11.12 9.92 14.74
N GLY B 74 -12.15 9.30 15.32
CA GLY B 74 -12.33 9.21 16.78
C GLY B 74 -13.50 8.32 17.17
N VAL B 75 -13.79 8.24 18.47
CA VAL B 75 -14.97 7.52 19.04
C VAL B 75 -15.61 8.40 20.12
N ILE B 76 -16.95 8.33 20.23
CA ILE B 76 -17.74 8.82 21.40
C ILE B 76 -17.95 7.62 22.32
N ILE B 77 -17.53 7.74 23.59
CA ILE B 77 -17.73 6.72 24.66
C ILE B 77 -18.10 7.46 25.95
N GLU B 78 -19.41 7.57 26.21
CA GLU B 78 -20.02 8.39 27.31
C GLU B 78 -20.97 7.52 28.14
N GLU B 79 -21.63 8.12 29.14
CA GLU B 79 -22.62 7.44 30.01
C GLU B 79 -23.84 7.07 29.16
N GLY B 80 -23.85 5.84 28.62
CA GLY B 80 -25.01 5.23 27.96
C GLY B 80 -25.15 5.62 26.49
N LYS B 81 -24.03 5.84 25.78
CA LYS B 81 -24.00 5.89 24.28
C LYS B 81 -22.57 5.71 23.77
N TYR B 82 -22.40 4.85 22.76
CA TYR B 82 -21.10 4.46 22.13
C TYR B 82 -21.22 4.62 20.61
N SER B 83 -20.28 5.34 19.98
N SER B 83 -20.28 5.35 19.98
CA SER B 83 -20.27 5.72 18.55
CA SER B 83 -20.26 5.67 18.54
C SER B 83 -18.86 5.65 17.96
C SER B 83 -18.84 5.53 17.98
N LEU B 84 -18.74 5.34 16.66
CA LEU B 84 -17.48 5.40 15.87
C LEU B 84 -17.57 6.58 14.90
N VAL B 85 -16.51 7.38 14.80
CA VAL B 85 -16.42 8.57 13.89
C VAL B 85 -15.35 8.29 12.84
N MET B 86 -15.70 8.50 11.56
CA MET B 86 -14.87 8.10 10.38
C MET B 86 -14.97 9.18 9.31
N GLU B 87 -14.00 9.19 8.39
CA GLU B 87 -13.84 10.25 7.37
C GLU B 87 -14.99 10.15 6.36
N TYR B 88 -15.39 11.29 5.82
CA TYR B 88 -16.57 11.49 4.95
C TYR B 88 -16.18 11.12 3.53
N MET B 89 -16.86 10.12 2.96
CA MET B 89 -16.72 9.70 1.54
C MET B 89 -17.97 10.18 0.78
N GLU B 90 -17.81 11.23 -0.03
CA GLU B 90 -18.89 12.12 -0.52
C GLU B 90 -19.86 11.35 -1.41
N LYS B 91 -19.36 10.49 -2.31
CA LYS B 91 -20.17 9.81 -3.35
C LYS B 91 -20.82 8.52 -2.82
N GLY B 92 -20.63 8.20 -1.53
CA GLY B 92 -21.24 7.02 -0.88
C GLY B 92 -20.49 5.75 -1.24
N ASN B 93 -21.19 4.62 -1.24
CA ASN B 93 -20.60 3.27 -1.48
C ASN B 93 -20.56 2.97 -2.98
N LEU B 94 -19.88 1.88 -3.36
CA LEU B 94 -19.62 1.49 -4.78
C LEU B 94 -20.95 1.24 -5.51
N MET B 95 -21.82 0.40 -4.94
CA MET B 95 -23.10 0.00 -5.58
C MET B 95 -23.95 1.24 -5.86
N HIS B 96 -23.94 2.24 -4.96
CA HIS B 96 -24.65 3.53 -5.12
C HIS B 96 -24.10 4.29 -6.34
N VAL B 97 -22.78 4.30 -6.52
CA VAL B 97 -22.05 5.02 -7.59
C VAL B 97 -22.36 4.37 -8.95
N LEU B 98 -22.36 3.05 -9.03
CA LEU B 98 -22.57 2.28 -10.29
C LEU B 98 -23.99 2.50 -10.83
N LYS B 99 -24.99 2.63 -9.94
CA LYS B 99 -26.43 2.73 -10.31
C LYS B 99 -26.80 4.15 -10.75
N ALA B 100 -25.97 5.16 -10.44
CA ALA B 100 -26.17 6.59 -10.79
C ALA B 100 -26.24 6.77 -12.31
N GLU B 101 -26.96 7.79 -12.77
CA GLU B 101 -27.24 8.06 -14.22
C GLU B 101 -25.96 8.53 -14.93
N MET B 102 -25.05 9.20 -14.21
CA MET B 102 -23.69 9.57 -14.69
C MET B 102 -22.89 8.31 -15.05
N SER B 103 -22.46 8.22 -16.31
CA SER B 103 -21.59 7.14 -16.87
C SER B 103 -20.28 7.05 -16.06
N THR B 104 -19.92 5.84 -15.60
CA THR B 104 -18.58 5.52 -15.01
C THR B 104 -17.70 4.96 -16.11
N PRO B 105 -16.70 5.71 -16.64
CA PRO B 105 -15.82 5.18 -17.69
C PRO B 105 -15.06 3.89 -17.33
N LEU B 106 -14.54 3.19 -18.34
CA LEU B 106 -13.79 1.92 -18.20
C LEU B 106 -12.51 2.16 -17.38
N SER B 107 -11.74 3.20 -17.75
CA SER B 107 -10.49 3.64 -17.07
C SER B 107 -10.73 3.82 -15.57
N VAL B 108 -11.86 4.42 -15.18
CA VAL B 108 -12.24 4.68 -13.75
C VAL B 108 -12.51 3.34 -13.07
N LYS B 109 -13.34 2.50 -13.69
CA LYS B 109 -13.69 1.15 -13.19
C LYS B 109 -12.40 0.35 -13.00
N GLY B 110 -11.48 0.45 -13.96
CA GLY B 110 -10.12 -0.15 -13.90
C GLY B 110 -9.37 0.32 -12.67
N ARG B 111 -9.30 1.63 -12.45
CA ARG B 111 -8.58 2.25 -11.31
C ARG B 111 -9.23 1.79 -10.01
N ILE B 112 -10.56 1.86 -9.92
CA ILE B 112 -11.36 1.40 -8.75
C ILE B 112 -10.89 -0.02 -8.37
N ILE B 113 -10.79 -0.92 -9.34
CA ILE B 113 -10.41 -2.35 -9.12
C ILE B 113 -8.98 -2.42 -8.57
N LEU B 114 -8.04 -1.70 -9.17
CA LEU B 114 -6.62 -1.64 -8.71
C LEU B 114 -6.57 -1.14 -7.26
N GLU B 115 -7.33 -0.08 -6.95
CA GLU B 115 -7.37 0.55 -5.61
C GLU B 115 -7.91 -0.45 -4.57
N ILE B 116 -8.89 -1.27 -4.94
CA ILE B 116 -9.45 -2.34 -4.06
C ILE B 116 -8.35 -3.39 -3.84
N ILE B 117 -7.66 -3.81 -4.90
CA ILE B 117 -6.53 -4.79 -4.82
C ILE B 117 -5.48 -4.22 -3.86
N GLU B 118 -5.06 -2.96 -4.08
CA GLU B 118 -4.11 -2.24 -3.19
C GLU B 118 -4.56 -2.37 -1.73
N GLY B 119 -5.82 -2.05 -1.45
CA GLY B 119 -6.40 -2.03 -0.10
C GLY B 119 -6.43 -3.41 0.52
N MET B 120 -6.87 -4.42 -0.23
CA MET B 120 -6.95 -5.82 0.25
C MET B 120 -5.53 -6.35 0.51
N ALA B 121 -4.58 -6.04 -0.37
CA ALA B 121 -3.15 -6.37 -0.23
C ALA B 121 -2.61 -5.81 1.10
N TYR B 122 -3.06 -4.62 1.52
CA TYR B 122 -2.66 -3.98 2.80
C TYR B 122 -3.17 -4.82 3.97
N LEU B 123 -4.48 -5.08 4.04
CA LEU B 123 -5.15 -5.77 5.18
C LEU B 123 -4.55 -7.16 5.36
N HIS B 124 -4.47 -7.94 4.28
CA HIS B 124 -3.82 -9.29 4.26
C HIS B 124 -2.34 -9.16 4.65
N GLY B 125 -1.69 -8.08 4.22
CA GLY B 125 -0.31 -7.72 4.62
C GLY B 125 -0.15 -7.57 6.12
N LYS B 126 -1.20 -7.14 6.84
CA LYS B 126 -1.20 -6.99 8.33
C LYS B 126 -1.80 -8.25 8.99
N GLY B 127 -2.07 -9.31 8.22
CA GLY B 127 -2.68 -10.56 8.71
C GLY B 127 -4.12 -10.37 9.13
N VAL B 128 -4.84 -9.48 8.43
CA VAL B 128 -6.29 -9.22 8.63
C VAL B 128 -7.05 -9.99 7.53
N ILE B 129 -8.03 -10.78 7.93
CA ILE B 129 -9.11 -11.32 7.06
C ILE B 129 -10.30 -10.37 7.21
N HIS B 130 -10.75 -9.75 6.11
CA HIS B 130 -11.89 -8.79 6.11
C HIS B 130 -13.15 -9.53 6.56
N LYS B 131 -13.44 -10.65 5.88
CA LYS B 131 -14.55 -11.61 6.13
C LYS B 131 -15.85 -11.14 5.45
N ASP B 132 -15.97 -9.86 5.08
CA ASP B 132 -17.23 -9.28 4.55
C ASP B 132 -16.92 -8.17 3.55
N LEU B 133 -16.03 -8.42 2.59
CA LEU B 133 -15.85 -7.50 1.42
C LEU B 133 -17.16 -7.53 0.61
N LYS B 134 -17.62 -6.35 0.17
CA LYS B 134 -18.84 -6.15 -0.64
C LYS B 134 -18.96 -4.68 -1.00
N PRO B 135 -19.69 -4.32 -2.09
CA PRO B 135 -19.78 -2.93 -2.54
C PRO B 135 -20.21 -1.92 -1.46
N GLU B 136 -21.04 -2.33 -0.49
CA GLU B 136 -21.42 -1.51 0.68
C GLU B 136 -20.17 -1.04 1.42
N ASN B 137 -19.21 -1.93 1.60
CA ASN B 137 -17.97 -1.73 2.41
C ASN B 137 -16.87 -1.07 1.56
N ILE B 138 -17.14 -0.75 0.29
CA ILE B 138 -16.24 0.03 -0.61
C ILE B 138 -16.88 1.41 -0.78
N LEU B 139 -16.29 2.44 -0.16
CA LEU B 139 -16.75 3.86 -0.22
C LEU B 139 -15.94 4.64 -1.25
N VAL B 140 -16.51 5.71 -1.80
CA VAL B 140 -16.02 6.47 -3.00
C VAL B 140 -16.07 7.97 -2.70
N ASP B 141 -14.94 8.68 -2.88
CA ASP B 141 -14.85 10.16 -2.69
C ASP B 141 -15.28 10.86 -4.00
N ASN B 142 -15.31 12.20 -3.98
CA ASN B 142 -15.75 13.07 -5.12
C ASN B 142 -14.85 12.87 -6.35
N ASP B 143 -13.59 12.43 -6.17
CA ASP B 143 -12.59 12.19 -7.26
C ASP B 143 -12.62 10.73 -7.74
N PHE B 144 -13.60 9.92 -7.27
CA PHE B 144 -13.81 8.49 -7.61
C PHE B 144 -12.63 7.61 -7.16
N HIS B 145 -11.85 8.06 -6.15
CA HIS B 145 -10.90 7.22 -5.39
C HIS B 145 -11.69 6.53 -4.27
N ILE B 146 -11.32 5.31 -3.91
CA ILE B 146 -12.12 4.41 -3.00
C ILE B 146 -11.33 4.11 -1.72
N LYS B 147 -12.04 3.68 -0.67
CA LYS B 147 -11.48 3.22 0.62
C LYS B 147 -12.37 2.09 1.17
N ILE B 148 -11.77 1.05 1.76
CA ILE B 148 -12.45 -0.17 2.25
C ILE B 148 -12.86 0.05 3.71
N ALA B 149 -14.08 -0.36 4.06
CA ALA B 149 -14.71 -0.20 5.38
C ALA B 149 -15.12 -1.57 5.92
N ASP B 150 -15.31 -1.67 7.25
CA ASP B 150 -15.85 -2.86 7.96
C ASP B 150 -17.05 -2.38 8.79
N LEU B 151 -18.10 -1.92 8.12
CA LEU B 151 -19.31 -1.35 8.76
C LEU B 151 -20.13 -2.45 9.47
N GLY B 152 -20.01 -3.71 9.01
CA GLY B 152 -20.51 -4.89 9.74
C GLY B 152 -19.81 -5.09 11.09
N LEU B 153 -18.60 -4.53 11.25
CA LEU B 153 -17.69 -4.71 12.41
C LEU B 153 -17.35 -6.21 12.55
N ALA B 154 -17.12 -6.85 11.40
CA ALA B 154 -16.77 -8.28 11.26
C ALA B 154 -15.53 -8.63 12.08
N SER B 155 -14.53 -7.74 12.06
CA SER B 155 -13.16 -7.96 12.62
C SER B 155 -13.04 -7.37 14.04
N PHE B 156 -14.14 -6.86 14.61
CA PHE B 156 -14.17 -6.17 15.93
C PHE B 156 -15.37 -6.70 16.72
N LYS B 157 -15.11 -7.71 17.57
CA LYS B 157 -16.11 -8.62 18.20
C LYS B 157 -16.91 -7.84 19.27
N MET B 158 -16.22 -7.10 20.13
CA MET B 158 -16.84 -6.38 21.29
C MET B 158 -17.82 -5.31 20.78
N TRP B 159 -17.42 -4.52 19.77
CA TRP B 159 -18.29 -3.49 19.13
C TRP B 159 -19.49 -4.15 18.43
N SER B 160 -19.26 -5.25 17.70
CA SER B 160 -20.30 -5.97 16.91
C SER B 160 -21.37 -6.53 17.85
N LYS B 161 -20.95 -7.14 18.96
CA LYS B 161 -21.86 -7.68 20.01
C LYS B 161 -22.57 -6.52 20.74
N LEU B 162 -21.91 -5.37 20.92
CA LEU B 162 -22.45 -4.16 21.62
C LEU B 162 -23.75 -3.70 20.95
N ASN B 163 -23.84 -3.80 19.61
CA ASN B 163 -25.02 -3.44 18.78
C ASN B 163 -26.26 -4.22 19.26
N ASN B 164 -26.11 -5.52 19.57
CA ASN B 164 -27.21 -6.42 20.02
C ASN B 164 -26.98 -6.86 21.48
N GLU B 165 -26.26 -6.08 22.30
CA GLU B 165 -25.79 -6.50 23.65
C GLU B 165 -27.00 -6.64 24.58
N GLU B 166 -27.61 -5.54 25.01
CA GLU B 166 -28.82 -5.49 25.88
C GLU B 166 -29.21 -4.03 26.10
N HIS B 167 -30.50 -3.72 25.97
CA HIS B 167 -31.11 -2.38 26.20
C HIS B 167 -30.62 -1.38 25.13
N ASN B 168 -30.56 -1.83 23.87
CA ASN B 168 -30.13 -0.99 22.71
C ASN B 168 -31.38 -0.30 22.13
N GLU B 169 -31.52 1.01 22.36
CA GLU B 169 -32.66 1.82 21.85
C GLU B 169 -32.65 1.85 20.31
N LEU B 170 -31.47 1.77 19.69
CA LEU B 170 -31.28 1.69 18.21
C LEU B 170 -31.03 0.24 17.80
N GLY B 182 -27.86 -9.16 3.20
CA GLY B 182 -26.94 -8.30 2.45
C GLY B 182 -25.69 -9.03 1.98
N THR B 183 -24.99 -9.70 2.90
CA THR B 183 -23.66 -10.37 2.73
C THR B 183 -23.73 -11.48 1.65
N LEU B 184 -24.81 -12.28 1.69
CA LEU B 184 -24.96 -13.61 1.04
C LEU B 184 -24.34 -13.61 -0.37
N TYR B 185 -24.66 -12.59 -1.16
CA TYR B 185 -24.30 -12.47 -2.61
C TYR B 185 -22.79 -12.51 -2.80
N TYR B 186 -22.03 -12.04 -1.81
CA TYR B 186 -20.55 -11.86 -1.86
C TYR B 186 -19.83 -12.84 -0.93
N MET B 187 -20.57 -13.72 -0.23
CA MET B 187 -20.00 -14.71 0.71
C MET B 187 -19.65 -16.00 -0.05
N ALA B 188 -18.41 -16.47 0.10
CA ALA B 188 -17.88 -17.69 -0.56
C ALA B 188 -18.72 -18.90 -0.15
N PRO B 189 -18.86 -19.92 -1.03
CA PRO B 189 -19.80 -21.02 -0.79
C PRO B 189 -19.45 -21.89 0.44
N GLU B 190 -18.16 -22.01 0.77
CA GLU B 190 -17.66 -22.77 1.95
C GLU B 190 -18.34 -22.29 3.25
N HIS B 191 -18.70 -21.01 3.33
CA HIS B 191 -19.27 -20.36 4.54
C HIS B 191 -20.80 -20.23 4.45
N LEU B 192 -21.38 -20.40 3.25
CA LEU B 192 -22.86 -20.35 3.05
C LEU B 192 -23.51 -21.47 3.87
N ASN B 193 -24.55 -21.13 4.64
CA ASN B 193 -25.39 -22.07 5.42
C ASN B 193 -24.54 -22.74 6.51
N ASP B 194 -23.45 -22.07 6.93
CA ASP B 194 -22.48 -22.58 7.93
C ASP B 194 -22.59 -21.71 9.17
N VAL B 195 -23.17 -22.26 10.22
CA VAL B 195 -23.54 -21.54 11.49
C VAL B 195 -22.23 -21.02 12.09
N ASN B 196 -21.22 -21.89 12.17
CA ASN B 196 -19.89 -21.61 12.77
C ASN B 196 -18.80 -21.99 11.74
N ALA B 197 -18.53 -21.07 10.80
CA ALA B 197 -17.44 -21.15 9.79
C ALA B 197 -16.27 -20.26 10.20
N LYS B 198 -15.04 -20.67 9.85
CA LYS B 198 -13.80 -19.88 10.02
C LYS B 198 -13.44 -19.29 8.66
N PRO B 199 -13.68 -17.98 8.39
CA PRO B 199 -13.24 -17.36 7.14
C PRO B 199 -11.72 -17.28 7.03
N THR B 200 -11.20 -17.51 5.82
CA THR B 200 -9.75 -17.44 5.47
C THR B 200 -9.52 -16.23 4.55
N GLU B 201 -8.27 -15.99 4.16
CA GLU B 201 -7.89 -14.96 3.16
C GLU B 201 -8.62 -15.26 1.84
N LYS B 202 -8.72 -16.53 1.44
CA LYS B 202 -9.28 -16.93 0.11
C LYS B 202 -10.81 -16.70 0.09
N SER B 203 -11.46 -16.62 1.25
CA SER B 203 -12.88 -16.17 1.39
C SER B 203 -13.04 -14.76 0.81
N ASP B 204 -12.13 -13.84 1.18
CA ASP B 204 -12.11 -12.43 0.70
C ASP B 204 -11.88 -12.38 -0.82
N VAL B 205 -11.13 -13.35 -1.37
CA VAL B 205 -10.80 -13.40 -2.81
C VAL B 205 -12.08 -13.73 -3.60
N TYR B 206 -12.94 -14.61 -3.07
CA TYR B 206 -14.25 -14.95 -3.68
C TYR B 206 -15.10 -13.68 -3.76
N SER B 207 -15.27 -12.99 -2.62
CA SER B 207 -16.08 -11.76 -2.51
C SER B 207 -15.67 -10.79 -3.63
N PHE B 208 -14.36 -10.54 -3.75
CA PHE B 208 -13.72 -9.67 -4.76
C PHE B 208 -14.20 -10.03 -6.17
N ALA B 209 -14.22 -11.33 -6.52
CA ALA B 209 -14.69 -11.87 -7.81
C ALA B 209 -16.11 -11.38 -8.11
N VAL B 210 -17.01 -11.48 -7.12
CA VAL B 210 -18.43 -11.06 -7.27
C VAL B 210 -18.46 -9.53 -7.44
N VAL B 211 -17.57 -8.81 -6.76
CA VAL B 211 -17.43 -7.32 -6.84
C VAL B 211 -17.04 -6.94 -8.27
N LEU B 212 -16.05 -7.61 -8.87
CA LEU B 212 -15.65 -7.35 -10.27
C LEU B 212 -16.87 -7.46 -11.18
N TRP B 213 -17.66 -8.53 -11.04
CA TRP B 213 -18.89 -8.75 -11.84
C TRP B 213 -19.84 -7.56 -11.69
N ALA B 214 -20.14 -7.17 -10.45
CA ALA B 214 -21.04 -6.06 -10.07
C ALA B 214 -20.58 -4.75 -10.72
N ILE B 215 -19.26 -4.53 -10.80
CA ILE B 215 -18.64 -3.28 -11.35
C ILE B 215 -18.98 -3.16 -12.84
N PHE B 216 -19.03 -4.27 -13.57
CA PHE B 216 -19.32 -4.29 -15.03
C PHE B 216 -20.81 -4.53 -15.30
N ALA B 217 -21.55 -5.10 -14.35
CA ALA B 217 -23.01 -5.30 -14.42
C ALA B 217 -23.75 -4.00 -14.07
N ASN B 218 -23.19 -3.20 -13.15
CA ASN B 218 -23.84 -1.99 -12.55
C ASN B 218 -25.09 -2.41 -11.79
N LYS B 219 -25.05 -3.55 -11.10
CA LYS B 219 -26.19 -4.07 -10.30
C LYS B 219 -25.73 -5.22 -9.39
N GLU B 220 -26.61 -5.64 -8.47
CA GLU B 220 -26.42 -6.83 -7.60
C GLU B 220 -26.54 -8.07 -8.47
N PRO B 221 -25.84 -9.19 -8.15
CA PRO B 221 -26.05 -10.45 -8.87
C PRO B 221 -27.40 -11.12 -8.55
N TYR B 222 -27.64 -12.27 -9.19
CA TYR B 222 -28.71 -13.24 -8.83
C TYR B 222 -30.08 -12.57 -8.77
N GLU B 223 -30.37 -11.69 -9.73
CA GLU B 223 -31.65 -10.93 -9.78
C GLU B 223 -32.83 -11.90 -9.92
N ASN B 224 -32.64 -13.04 -10.61
CA ASN B 224 -33.72 -14.02 -10.94
C ASN B 224 -33.97 -15.05 -9.83
N ALA B 225 -33.27 -14.95 -8.69
CA ALA B 225 -33.47 -15.82 -7.51
C ALA B 225 -34.86 -15.52 -6.91
N ILE B 226 -35.51 -16.55 -6.36
CA ILE B 226 -36.93 -16.49 -5.89
C ILE B 226 -36.95 -16.60 -4.36
N ALA B 227 -36.31 -17.63 -3.82
CA ALA B 227 -36.11 -17.87 -2.36
C ALA B 227 -34.62 -17.87 -2.05
N GLU B 228 -34.28 -17.84 -0.75
CA GLU B 228 -32.88 -17.68 -0.25
C GLU B 228 -32.22 -19.06 -0.24
N GLN B 229 -32.88 -20.06 0.35
CA GLN B 229 -32.39 -21.45 0.39
C GLN B 229 -32.15 -21.96 -1.03
N GLN B 230 -32.91 -21.49 -2.03
CA GLN B 230 -32.66 -21.74 -3.48
C GLN B 230 -31.29 -21.17 -3.87
N LEU B 231 -31.02 -19.91 -3.50
CA LEU B 231 -29.80 -19.17 -3.91
C LEU B 231 -28.57 -19.79 -3.23
N ILE B 232 -28.67 -20.11 -1.95
CA ILE B 232 -27.55 -20.72 -1.15
C ILE B 232 -27.18 -22.06 -1.80
N MET B 233 -28.17 -22.95 -1.98
CA MET B 233 -27.97 -24.31 -2.54
C MET B 233 -27.40 -24.19 -3.97
N ALA B 234 -27.88 -23.22 -4.75
CA ALA B 234 -27.38 -22.93 -6.11
C ALA B 234 -25.88 -22.59 -6.03
N ILE B 235 -25.52 -21.60 -5.23
CA ILE B 235 -24.13 -21.06 -5.19
C ILE B 235 -23.18 -22.16 -4.68
N LYS B 236 -23.61 -22.93 -3.68
CA LYS B 236 -22.82 -24.06 -3.11
C LYS B 236 -22.64 -25.16 -4.17
N SER B 237 -23.60 -25.32 -5.08
CA SER B 237 -23.56 -26.32 -6.19
C SER B 237 -22.86 -25.76 -7.43
N GLY B 238 -22.31 -24.54 -7.37
CA GLY B 238 -21.37 -24.01 -8.37
C GLY B 238 -21.91 -22.83 -9.17
N ASN B 239 -23.15 -22.39 -8.93
CA ASN B 239 -23.75 -21.20 -9.60
C ASN B 239 -22.96 -19.94 -9.24
N ARG B 240 -22.72 -19.08 -10.22
CA ARG B 240 -22.00 -17.78 -10.10
C ARG B 240 -22.79 -16.74 -10.90
N PRO B 241 -22.54 -15.42 -10.71
CA PRO B 241 -23.24 -14.39 -11.48
C PRO B 241 -23.20 -14.59 -13.01
N ASP B 242 -24.31 -14.30 -13.69
CA ASP B 242 -24.48 -14.54 -15.15
C ASP B 242 -23.59 -13.57 -15.94
N VAL B 243 -22.57 -14.08 -16.60
CA VAL B 243 -21.54 -13.29 -17.35
C VAL B 243 -22.19 -12.68 -18.60
N ASP B 244 -23.25 -13.30 -19.13
CA ASP B 244 -24.01 -12.79 -20.31
C ASP B 244 -24.84 -11.56 -19.91
N ASP B 245 -25.12 -11.41 -18.61
CA ASP B 245 -25.88 -10.27 -18.03
C ASP B 245 -24.99 -9.01 -18.01
N ILE B 246 -23.67 -9.14 -18.25
CA ILE B 246 -22.76 -7.98 -18.56
C ILE B 246 -23.07 -7.53 -19.99
N THR B 247 -23.90 -6.49 -20.14
CA THR B 247 -24.34 -5.90 -21.43
C THR B 247 -23.22 -5.01 -21.98
N GLU B 248 -22.68 -4.10 -21.16
CA GLU B 248 -21.60 -3.15 -21.56
C GLU B 248 -20.29 -3.93 -21.76
N TYR B 249 -19.29 -3.30 -22.36
CA TYR B 249 -17.96 -3.89 -22.64
C TYR B 249 -17.25 -4.16 -21.30
N CYS B 250 -16.76 -5.39 -21.13
CA CYS B 250 -15.86 -5.83 -20.04
C CYS B 250 -14.71 -6.62 -20.66
N PRO B 251 -13.43 -6.16 -20.51
CA PRO B 251 -12.31 -6.86 -21.13
C PRO B 251 -12.26 -8.34 -20.74
N ARG B 252 -11.81 -9.20 -21.66
CA ARG B 252 -11.75 -10.68 -21.48
C ARG B 252 -10.80 -11.04 -20.33
N GLU B 253 -9.75 -10.24 -20.11
CA GLU B 253 -8.75 -10.42 -19.01
C GLU B 253 -9.42 -10.36 -17.64
N ILE B 254 -10.43 -9.51 -17.49
CA ILE B 254 -11.18 -9.30 -16.21
C ILE B 254 -12.24 -10.39 -16.07
N ILE B 255 -12.89 -10.78 -17.17
CA ILE B 255 -13.86 -11.91 -17.20
C ILE B 255 -13.13 -13.18 -16.75
N SER B 256 -11.93 -13.43 -17.29
CA SER B 256 -11.04 -14.54 -16.89
C SER B 256 -10.79 -14.46 -15.38
N LEU B 257 -10.41 -13.27 -14.90
CA LEU B 257 -9.95 -13.02 -13.51
C LEU B 257 -11.08 -13.36 -12.53
N MET B 258 -12.30 -12.89 -12.79
CA MET B 258 -13.44 -13.09 -11.85
C MET B 258 -13.81 -14.58 -11.80
N LYS B 259 -13.72 -15.31 -12.93
CA LYS B 259 -13.96 -16.77 -12.98
C LYS B 259 -12.89 -17.51 -12.15
N LEU B 260 -11.64 -17.06 -12.26
CA LEU B 260 -10.47 -17.62 -11.52
C LEU B 260 -10.66 -17.42 -10.01
N CYS B 261 -11.22 -16.28 -9.62
CA CYS B 261 -11.28 -15.82 -8.21
C CYS B 261 -12.53 -16.40 -7.51
N TRP B 262 -13.60 -16.76 -8.23
CA TRP B 262 -14.79 -17.42 -7.63
C TRP B 262 -14.78 -18.94 -7.84
N GLU B 263 -13.57 -19.54 -7.89
CA GLU B 263 -13.40 -21.01 -7.96
C GLU B 263 -14.07 -21.66 -6.75
N ALA B 264 -14.70 -22.83 -6.95
CA ALA B 264 -15.29 -23.67 -5.88
C ALA B 264 -14.20 -23.96 -4.83
N ASN B 265 -13.06 -24.52 -5.27
CA ASN B 265 -11.88 -24.86 -4.43
C ASN B 265 -11.22 -23.57 -3.96
N PRO B 266 -11.21 -23.27 -2.63
CA PRO B 266 -10.49 -22.11 -2.10
C PRO B 266 -9.03 -22.00 -2.57
N GLU B 267 -8.30 -23.12 -2.58
CA GLU B 267 -6.84 -23.11 -2.89
C GLU B 267 -6.61 -22.76 -4.38
N ALA B 268 -7.59 -23.04 -5.24
CA ALA B 268 -7.52 -22.80 -6.71
C ALA B 268 -7.73 -21.32 -7.05
N ARG B 269 -8.10 -20.48 -6.07
CA ARG B 269 -8.14 -19.00 -6.20
C ARG B 269 -6.73 -18.43 -6.02
N PRO B 270 -6.43 -17.24 -6.58
CA PRO B 270 -5.12 -16.62 -6.39
C PRO B 270 -5.10 -15.83 -5.07
N THR B 271 -4.01 -15.10 -4.81
CA THR B 271 -3.90 -14.15 -3.67
C THR B 271 -3.72 -12.74 -4.24
N PHE B 272 -4.05 -11.72 -3.44
CA PHE B 272 -4.13 -10.31 -3.88
C PHE B 272 -2.77 -9.83 -4.41
N PRO B 273 -1.63 -10.19 -3.76
CA PRO B 273 -0.32 -9.98 -4.38
C PRO B 273 -0.23 -10.60 -5.79
N GLY B 274 -0.68 -11.84 -5.93
CA GLY B 274 -0.75 -12.57 -7.23
C GLY B 274 -1.62 -11.84 -8.23
N ILE B 275 -2.75 -11.29 -7.78
CA ILE B 275 -3.72 -10.54 -8.63
C ILE B 275 -3.08 -9.21 -9.05
N GLU B 276 -2.56 -8.44 -8.08
CA GLU B 276 -1.94 -7.09 -8.28
C GLU B 276 -0.86 -7.17 -9.37
N GLU B 277 -0.02 -8.21 -9.32
CA GLU B 277 1.14 -8.43 -10.22
C GLU B 277 0.67 -8.58 -11.67
N LYS B 278 -0.47 -9.26 -11.89
CA LYS B 278 -1.10 -9.45 -13.23
C LYS B 278 -1.89 -8.20 -13.63
N PHE B 279 -2.71 -7.66 -12.73
CA PHE B 279 -3.75 -6.66 -13.04
C PHE B 279 -3.13 -5.28 -13.30
N ARG B 280 -2.22 -4.85 -12.43
CA ARG B 280 -1.56 -3.51 -12.51
C ARG B 280 -1.02 -3.26 -13.92
N PRO B 281 -0.13 -4.11 -14.48
CA PRO B 281 0.44 -3.84 -15.80
C PRO B 281 -0.62 -3.89 -16.92
N PHE B 282 -1.64 -4.75 -16.76
CA PHE B 282 -2.83 -4.82 -17.65
C PHE B 282 -3.60 -3.50 -17.58
N TYR B 283 -3.94 -3.04 -16.37
CA TYR B 283 -4.62 -1.75 -16.13
C TYR B 283 -3.85 -0.64 -16.83
N LEU B 284 -2.56 -0.51 -16.51
CA LEU B 284 -1.67 0.58 -16.99
C LEU B 284 -1.63 0.58 -18.51
N SER B 285 -1.42 -0.58 -19.14
CA SER B 285 -1.19 -0.70 -20.60
C SER B 285 -2.51 -0.55 -21.39
N GLN B 286 -3.64 -1.02 -20.86
CA GLN B 286 -4.91 -1.17 -21.63
C GLN B 286 -6.00 -0.20 -21.15
N LEU B 287 -6.09 0.11 -19.85
CA LEU B 287 -7.28 0.81 -19.26
C LEU B 287 -6.96 2.27 -18.88
N GLU B 288 -5.78 2.56 -18.30
CA GLU B 288 -5.40 3.94 -17.90
C GLU B 288 -5.15 4.77 -19.17
C2 A1BU5 C . 15.27 -2.04 1.11
C3 A1BU5 C . 15.20 -3.43 1.35
C4 A1BU5 C . 14.88 -4.28 0.27
C5 A1BU5 C . 14.65 -3.72 -0.97
C6 A1BU5 C . 14.72 -2.34 -1.13
C7 A1BU5 C . 14.26 -4.63 -2.13
C11 A1BU5 C . 14.23 -6.44 -0.59
C15 A1BU5 C . 16.30 -5.20 -3.50
C17 A1BU5 C . 17.47 -6.08 -3.93
C18 A1BU5 C . 18.18 -5.45 -5.15
C21 A1BU5 C . 18.53 -6.15 -2.82
C23 A1BU5 C . 15.46 -3.98 2.64
N1 A1BU5 C . 15.02 -1.55 -0.11
N9 A1BU5 C . 15.42 -5.50 -2.50
C10 A1BU5 C . 15.33 -6.71 -1.63
O13 A1BU5 C . 14.79 -5.62 0.45
C14 A1BU5 C . 13.26 -5.64 -1.48
O16 A1BU5 C . 16.13 -4.14 -4.06
F19 A1BU5 C . 18.82 -4.27 -4.76
F20 A1BU5 C . 19.11 -6.32 -5.71
C22 A1BU5 C . 16.96 -7.43 -4.45
N24 A1BU5 C . 15.64 -4.46 3.64
I IOD D . 2.72 18.48 1.99
I IOD E . 28.12 23.43 -0.25
I IOD F . 32.29 22.84 2.69
C2 A1BU5 G . -11.33 -4.07 7.55
C3 A1BU5 G . -10.82 -3.68 8.80
C4 A1BU5 G . -10.83 -2.31 9.13
C5 A1BU5 G . -11.34 -1.40 8.20
C6 A1BU5 G . -11.81 -1.87 7.00
C7 A1BU5 G . -11.33 0.08 8.54
C11 A1BU5 G . -10.11 -0.46 10.51
C15 A1BU5 G . -13.54 0.79 9.62
C17 A1BU5 G . -14.50 1.12 10.77
C18 A1BU5 G . -15.83 1.63 10.18
C21 A1BU5 G . -14.78 -0.10 11.65
C23 A1BU5 G . -10.31 -4.66 9.72
N1 A1BU5 G . -11.80 -3.16 6.70
N9 A1BU5 G . -12.24 0.38 9.72
C10 A1BU5 G . -11.43 0.20 10.93
O13 A1BU5 G . -10.35 -1.86 10.31
C14 A1BU5 G . -9.90 0.30 9.16
O16 A1BU5 G . -14.00 0.86 8.51
F19 A1BU5 G . -16.75 1.99 11.19
F20 A1BU5 G . -16.41 0.62 9.40
C22 A1BU5 G . -13.94 2.28 11.61
N24 A1BU5 G . -9.91 -5.41 10.46
I IOD H . 2.77 -4.83 -8.42
I IOD I . -0.49 3.22 -10.74
I IOD J . -5.51 -9.59 -15.09
I IOD K . -3.28 8.47 3.10
#